data_4QBM
#
_entry.id   4QBM
#
_cell.length_a   64.869
_cell.length_b   64.869
_cell.length_c   71.637
_cell.angle_alpha   90.00
_cell.angle_beta   90.00
_cell.angle_gamma   90.00
#
_symmetry.space_group_name_H-M   'P 41'
#
loop_
_entity.id
_entity.type
_entity.pdbx_description
1 polymer 'Bromodomain adjacent to zinc finger domain protein 2A'
2 polymer 'histone H4 peptide with sequence Gly-Ala-Lys(ac)-Arg-His-Arg-Lys(ac)-Val-Leu'
3 non-polymer 1,2-ETHANEDIOL
4 water water
#
loop_
_entity_poly.entity_id
_entity_poly.type
_entity_poly.pdbx_seq_one_letter_code
_entity_poly.pdbx_strand_id
1 'polypeptide(L)'
;SMHSDLTFCEIILMEMESHDAAWPFLEPVNPRLVSGYRRIIKNPMDFSTMRERLLRGGYTSSEEFAADALLVFDNCQTFN
EDDSEVGKAGHIMRRFFESRWEEFYQ
;
A,B
2 'polypeptide(L)' GA(ALY)RHR(ALY)VL C,D
#
loop_
_chem_comp.id
_chem_comp.type
_chem_comp.name
_chem_comp.formula
EDO non-polymer 1,2-ETHANEDIOL 'C2 H6 O2'
#
# COMPACT_ATOMS: atom_id res chain seq x y z
N SER A 1 -26.17 -25.22 2.71
CA SER A 1 -27.31 -24.27 2.89
C SER A 1 -26.81 -22.89 3.32
N MET A 2 -27.68 -21.90 3.22
CA MET A 2 -27.39 -20.56 3.70
C MET A 2 -27.02 -20.66 5.18
N HIS A 3 -27.82 -21.39 5.94
CA HIS A 3 -27.61 -21.49 7.37
C HIS A 3 -26.26 -22.13 7.70
N SER A 4 -25.92 -23.24 7.05
CA SER A 4 -24.63 -23.92 7.33
C SER A 4 -23.43 -23.06 6.91
N ASP A 5 -23.57 -22.34 5.78
CA ASP A 5 -22.53 -21.42 5.33
C ASP A 5 -22.33 -20.29 6.34
N LEU A 6 -23.43 -19.70 6.78
CA LEU A 6 -23.34 -18.59 7.72
C LEU A 6 -22.86 -19.06 9.07
N THR A 7 -23.23 -20.29 9.48
CA THR A 7 -22.64 -20.85 10.69
C THR A 7 -21.13 -20.88 10.61
N PHE A 8 -20.60 -21.31 9.45
CA PHE A 8 -19.16 -21.40 9.30
C PHE A 8 -18.53 -19.99 9.24
N CYS A 9 -19.22 -19.04 8.58
CA CYS A 9 -18.73 -17.66 8.63
C CYS A 9 -18.60 -17.13 10.04
N GLU A 10 -19.58 -17.43 10.88
CA GLU A 10 -19.54 -17.00 12.27
C GLU A 10 -18.33 -17.58 12.99
N ILE A 11 -18.07 -18.85 12.73
CA ILE A 11 -16.89 -19.52 13.28
C ILE A 11 -15.59 -18.85 12.79
N ILE A 12 -15.48 -18.54 11.51
CA ILE A 12 -14.29 -17.87 11.02
C ILE A 12 -14.11 -16.53 11.75
N LEU A 13 -15.20 -15.79 11.91
CA LEU A 13 -15.12 -14.50 12.59
C LEU A 13 -14.66 -14.67 14.04
N MET A 14 -15.24 -15.63 14.75
CA MET A 14 -14.74 -15.94 16.11
C MET A 14 -13.26 -16.30 16.15
N GLU A 15 -12.82 -17.09 15.18
CA GLU A 15 -11.43 -17.56 15.16
C GLU A 15 -10.49 -16.40 14.85
N MET A 16 -10.91 -15.49 13.96
CA MET A 16 -10.13 -14.27 13.69
C MET A 16 -10.00 -13.45 14.97
N GLU A 17 -11.11 -13.27 15.67
CA GLU A 17 -11.18 -12.47 16.90
C GLU A 17 -10.35 -13.07 18.00
N SER A 18 -10.17 -14.38 17.98
CA SER A 18 -9.35 -15.05 18.99
CA SER A 18 -9.36 -15.05 18.98
C SER A 18 -7.86 -14.82 18.78
N HIS A 19 -7.44 -14.35 17.60
CA HIS A 19 -6.02 -14.09 17.38
C HIS A 19 -5.54 -12.82 18.04
N ASP A 20 -4.30 -12.86 18.53
CA ASP A 20 -3.68 -11.68 19.09
C ASP A 20 -3.70 -10.51 18.12
N ALA A 21 -3.45 -10.76 16.83
CA ALA A 21 -3.42 -9.74 15.79
C ALA A 21 -4.77 -9.15 15.40
N ALA A 22 -5.86 -9.61 16.01
CA ALA A 22 -7.16 -9.04 15.66
C ALA A 22 -7.39 -7.69 16.32
N TRP A 23 -6.51 -7.25 17.24
CA TRP A 23 -6.82 -6.11 18.10
C TRP A 23 -7.19 -4.82 17.34
N PRO A 24 -6.59 -4.53 16.16
CA PRO A 24 -6.98 -3.28 15.53
C PRO A 24 -8.36 -3.30 14.92
N PHE A 25 -8.94 -4.49 14.76
CA PHE A 25 -10.17 -4.66 13.94
C PHE A 25 -11.43 -5.00 14.74
N LEU A 26 -11.28 -5.05 16.05
CA LEU A 26 -12.39 -5.48 16.91
C LEU A 26 -13.56 -4.50 16.92
N GLU A 27 -13.25 -3.19 16.85
CA GLU A 27 -14.26 -2.15 16.97
C GLU A 27 -14.01 -1.14 15.88
N PRO A 28 -15.02 -0.32 15.58
CA PRO A 28 -14.78 0.71 14.59
C PRO A 28 -13.65 1.64 14.94
N VAL A 29 -12.89 2.05 13.93
CA VAL A 29 -11.86 3.05 14.13
C VAL A 29 -12.49 4.38 14.51
N ASN A 30 -11.92 5.02 15.53
CA ASN A 30 -12.32 6.35 15.97
C ASN A 30 -11.34 7.36 15.38
N PRO A 31 -11.78 8.17 14.46
CA PRO A 31 -10.88 9.13 13.90
C PRO A 31 -10.34 10.23 14.85
N ARG A 32 -10.89 10.33 16.05
CA ARG A 32 -10.36 11.18 17.07
C ARG A 32 -9.06 10.58 17.66
N LEU A 33 -8.89 9.28 17.56
CA LEU A 33 -7.62 8.64 17.94
C LEU A 33 -6.69 8.49 16.76
N VAL A 34 -7.28 8.30 15.57
CA VAL A 34 -6.54 7.98 14.35
C VAL A 34 -6.75 9.05 13.28
N SER A 35 -5.79 9.96 13.17
CA SER A 35 -5.89 11.15 12.30
CA SER A 35 -5.92 11.14 12.32
C SER A 35 -6.04 10.81 10.81
N GLY A 36 -7.02 11.44 10.14
CA GLY A 36 -7.20 11.31 8.71
C GLY A 36 -7.98 10.08 8.24
N TYR A 37 -8.43 9.26 9.19
CA TYR A 37 -9.09 8.00 8.85
C TYR A 37 -10.35 8.26 8.00
N ARG A 38 -11.17 9.23 8.42
CA ARG A 38 -12.41 9.57 7.69
C ARG A 38 -12.12 10.12 6.28
N ARG A 39 -11.05 10.91 6.13
CA ARG A 39 -10.67 11.42 4.82
C ARG A 39 -10.23 10.32 3.86
N ILE A 40 -9.52 9.32 4.38
CA ILE A 40 -8.86 8.34 3.53
C ILE A 40 -9.73 7.11 3.27
N ILE A 41 -10.48 6.68 4.28
CA ILE A 41 -11.28 5.45 4.18
C ILE A 41 -12.77 5.78 4.01
N LYS A 42 -13.30 5.49 2.82
CA LYS A 42 -14.68 5.86 2.49
C LYS A 42 -15.72 4.95 3.14
N ASN A 43 -15.37 3.67 3.30
CA ASN A 43 -16.30 2.64 3.72
C ASN A 43 -15.72 1.82 4.88
N PRO A 44 -15.78 2.34 6.10
CA PRO A 44 -15.24 1.63 7.25
C PRO A 44 -15.94 0.30 7.56
N MET A 45 -15.17 -0.67 8.07
CA MET A 45 -15.77 -1.94 8.50
C MET A 45 -14.90 -2.52 9.58
N ASP A 46 -15.51 -3.27 10.50
CA ASP A 46 -14.77 -3.92 11.61
C ASP A 46 -15.49 -5.16 12.07
N PHE A 47 -14.85 -5.93 12.91
CA PHE A 47 -15.44 -7.22 13.31
C PHE A 47 -16.68 -7.09 14.16
N SER A 48 -16.80 -6.02 14.94
CA SER A 48 -17.97 -5.90 15.81
C SER A 48 -19.17 -5.65 14.91
N THR A 49 -18.99 -4.84 13.87
CA THR A 49 -20.08 -4.56 12.97
C THR A 49 -20.53 -5.82 12.22
N MET A 50 -19.56 -6.66 11.88
CA MET A 50 -19.85 -7.95 11.20
C MET A 50 -20.61 -8.89 12.14
N ARG A 51 -20.19 -8.92 13.38
CA ARG A 51 -20.82 -9.80 14.39
C ARG A 51 -22.28 -9.37 14.57
N GLU A 52 -22.49 -8.06 14.66
CA GLU A 52 -23.89 -7.53 14.86
C GLU A 52 -24.74 -7.86 13.63
N ARG A 53 -24.15 -7.76 12.45
CA ARG A 53 -24.89 -8.08 11.24
C ARG A 53 -25.28 -9.57 11.18
N LEU A 54 -24.37 -10.46 11.59
CA LEU A 54 -24.68 -11.88 11.65
C LEU A 54 -25.80 -12.13 12.65
N LEU A 55 -25.71 -11.51 13.83
CA LEU A 55 -26.68 -11.77 14.90
C LEU A 55 -28.08 -11.35 14.43
N ARG A 56 -28.14 -10.27 13.66
CA ARG A 56 -29.44 -9.74 13.19
C ARG A 56 -29.93 -10.40 11.93
N GLY A 57 -29.15 -11.33 11.40
CA GLY A 57 -29.51 -11.98 10.14
C GLY A 57 -29.34 -11.14 8.88
N GLY A 58 -28.44 -10.17 8.91
CA GLY A 58 -28.24 -9.24 7.81
C GLY A 58 -27.41 -9.72 6.62
N TYR A 59 -26.77 -10.87 6.76
CA TYR A 59 -26.07 -11.51 5.65
C TYR A 59 -26.97 -12.59 5.08
N THR A 60 -27.21 -12.55 3.78
CA THR A 60 -28.05 -13.56 3.13
C THR A 60 -27.20 -14.62 2.42
N SER A 61 -25.89 -14.43 2.44
CA SER A 61 -24.98 -15.40 1.87
C SER A 61 -23.62 -15.24 2.45
N SER A 62 -22.80 -16.28 2.28
CA SER A 62 -21.42 -16.20 2.75
C SER A 62 -20.65 -15.19 1.89
N GLU A 63 -21.09 -14.96 0.65
CA GLU A 63 -20.46 -13.93 -0.17
C GLU A 63 -20.62 -12.52 0.40
N GLU A 64 -21.79 -12.20 0.94
CA GLU A 64 -21.93 -10.89 1.57
C GLU A 64 -21.01 -10.71 2.77
N PHE A 65 -20.83 -11.77 3.53
CA PHE A 65 -19.91 -11.77 4.67
C PHE A 65 -18.49 -11.55 4.19
N ALA A 66 -18.11 -12.27 3.15
CA ALA A 66 -16.76 -12.15 2.58
C ALA A 66 -16.51 -10.70 2.13
N ALA A 67 -17.49 -10.04 1.53
CA ALA A 67 -17.29 -8.68 1.10
C ALA A 67 -16.91 -7.79 2.27
N ASP A 68 -17.54 -7.98 3.44
CA ASP A 68 -17.17 -7.15 4.57
C ASP A 68 -15.80 -7.48 5.11
N ALA A 69 -15.45 -8.77 5.18
CA ALA A 69 -14.11 -9.16 5.64
C ALA A 69 -13.05 -8.51 4.74
N LEU A 70 -13.27 -8.59 3.42
CA LEU A 70 -12.33 -8.00 2.46
C LEU A 70 -12.21 -6.48 2.65
N LEU A 71 -13.30 -5.80 2.96
CA LEU A 71 -13.24 -4.38 3.24
C LEU A 71 -12.35 -4.08 4.45
N VAL A 72 -12.46 -4.89 5.50
CA VAL A 72 -11.57 -4.75 6.63
C VAL A 72 -10.10 -4.81 6.21
N PHE A 73 -9.78 -5.81 5.42
CA PHE A 73 -8.39 -6.06 5.06
C PHE A 73 -7.89 -5.01 4.08
N ASP A 74 -8.76 -4.64 3.12
CA ASP A 74 -8.38 -3.63 2.12
C ASP A 74 -8.24 -2.23 2.72
N ASN A 75 -9.13 -1.87 3.65
CA ASN A 75 -9.00 -0.58 4.33
C ASN A 75 -7.68 -0.55 5.08
N CYS A 76 -7.32 -1.67 5.72
CA CYS A 76 -6.08 -1.73 6.49
C CYS A 76 -4.84 -1.55 5.60
N GLN A 77 -4.85 -2.22 4.45
CA GLN A 77 -3.74 -2.11 3.52
C GLN A 77 -3.61 -0.69 2.99
N THR A 78 -4.75 -0.07 2.76
CA THR A 78 -4.83 1.25 2.16
C THR A 78 -4.28 2.28 3.14
N PHE A 79 -4.68 2.16 4.39
CA PHE A 79 -4.38 3.22 5.36
C PHE A 79 -3.00 3.13 6.00
N ASN A 80 -2.52 1.90 6.30
CA ASN A 80 -1.36 1.69 7.17
C ASN A 80 -0.12 1.28 6.41
N GLU A 81 1.05 1.68 6.89
CA GLU A 81 2.29 1.21 6.31
C GLU A 81 2.40 -0.31 6.46
N ASP A 82 2.97 -0.98 5.48
CA ASP A 82 3.08 -2.43 5.54
C ASP A 82 3.93 -2.90 6.71
N ASP A 83 4.93 -2.11 7.11
CA ASP A 83 5.77 -2.49 8.25
C ASP A 83 5.28 -2.05 9.62
N SER A 84 4.11 -1.41 9.67
CA SER A 84 3.48 -0.97 10.91
C SER A 84 2.84 -2.16 11.60
N GLU A 85 2.62 -2.04 12.90
CA GLU A 85 2.01 -3.12 13.64
C GLU A 85 0.62 -3.44 13.07
N VAL A 86 -0.14 -2.39 12.80
CA VAL A 86 -1.50 -2.59 12.26
C VAL A 86 -1.46 -3.14 10.84
N GLY A 87 -0.55 -2.61 10.00
CA GLY A 87 -0.33 -3.17 8.65
C GLY A 87 -0.04 -4.66 8.68
N LYS A 88 0.92 -5.05 9.51
CA LYS A 88 1.23 -6.45 9.67
C LYS A 88 0.04 -7.29 10.13
N ALA A 89 -0.76 -6.73 11.03
CA ALA A 89 -1.91 -7.41 11.62
C ALA A 89 -2.95 -7.71 10.55
N GLY A 90 -3.19 -6.74 9.67
CA GLY A 90 -4.09 -6.99 8.55
C GLY A 90 -3.63 -8.11 7.62
N HIS A 91 -2.32 -8.18 7.35
CA HIS A 91 -1.80 -9.27 6.54
C HIS A 91 -1.99 -10.64 7.21
N ILE A 92 -1.71 -10.70 8.51
CA ILE A 92 -2.03 -11.93 9.29
C ILE A 92 -3.50 -12.32 9.19
N MET A 93 -4.43 -11.38 9.40
CA MET A 93 -5.85 -11.68 9.33
C MET A 93 -6.28 -12.17 7.96
N ARG A 94 -5.82 -11.51 6.90
CA ARG A 94 -6.23 -11.93 5.57
C ARG A 94 -5.75 -13.36 5.29
N ARG A 95 -4.47 -13.63 5.57
CA ARG A 95 -3.92 -14.97 5.38
C ARG A 95 -4.71 -16.02 6.16
N PHE A 96 -5.04 -15.73 7.42
CA PHE A 96 -5.82 -16.68 8.21
C PHE A 96 -7.22 -16.88 7.59
N PHE A 97 -7.84 -15.77 7.22
CA PHE A 97 -9.17 -15.83 6.64
C PHE A 97 -9.20 -16.72 5.41
N GLU A 98 -8.23 -16.53 4.51
CA GLU A 98 -8.19 -17.38 3.32
C GLU A 98 -7.96 -18.83 3.65
N SER A 99 -7.13 -19.08 4.65
CA SER A 99 -6.84 -20.45 5.07
C SER A 99 -8.07 -21.18 5.57
N ARG A 100 -9.00 -20.47 6.21
CA ARG A 100 -10.28 -21.06 6.64
C ARG A 100 -11.31 -21.13 5.51
N TRP A 101 -11.36 -20.11 4.66
CA TRP A 101 -12.33 -20.08 3.57
C TRP A 101 -12.13 -21.31 2.70
N GLU A 102 -10.87 -21.75 2.59
CA GLU A 102 -10.51 -22.97 1.85
C GLU A 102 -11.39 -24.20 2.19
N GLU A 103 -11.89 -24.29 3.42
CA GLU A 103 -12.72 -25.42 3.83
C GLU A 103 -13.99 -25.58 3.00
N PHE A 104 -14.45 -24.50 2.38
CA PHE A 104 -15.60 -24.55 1.51
C PHE A 104 -15.33 -25.45 0.29
N TYR A 105 -14.05 -25.63 -0.05
CA TYR A 105 -13.64 -26.31 -1.29
C TYR A 105 -12.97 -27.69 -1.03
N GLN A 106 -12.87 -28.10 0.23
CA GLN A 106 -12.40 -29.45 0.54
C GLN A 106 -13.49 -30.48 0.26
N SER B 1 30.47 -5.77 -17.88
CA SER B 1 29.43 -6.58 -18.60
C SER B 1 28.04 -6.04 -18.28
N MET B 2 27.02 -6.62 -18.92
CA MET B 2 25.65 -6.42 -18.49
C MET B 2 25.58 -6.69 -16.99
N HIS B 3 26.13 -7.82 -16.56
CA HIS B 3 26.09 -8.26 -15.15
C HIS B 3 26.68 -7.27 -14.14
N SER B 4 27.90 -6.79 -14.41
CA SER B 4 28.54 -5.86 -13.49
C SER B 4 27.82 -4.51 -13.46
N ASP B 5 27.29 -4.11 -14.61
CA ASP B 5 26.51 -2.87 -14.70
C ASP B 5 25.27 -2.96 -13.81
N LEU B 6 24.60 -4.11 -13.87
CA LEU B 6 23.35 -4.27 -13.12
C LEU B 6 23.65 -4.40 -11.63
N THR B 7 24.79 -4.99 -11.30
CA THR B 7 25.22 -5.03 -9.91
C THR B 7 25.32 -3.62 -9.34
N PHE B 8 25.95 -2.71 -10.06
CA PHE B 8 26.04 -1.33 -9.58
C PHE B 8 24.65 -0.67 -9.52
N CYS B 9 23.77 -0.99 -10.47
CA CYS B 9 22.40 -0.48 -10.40
C CYS B 9 21.69 -0.89 -9.15
N GLU B 10 21.86 -2.14 -8.73
CA GLU B 10 21.27 -2.58 -7.50
C GLU B 10 21.75 -1.80 -6.28
N ILE B 11 23.05 -1.51 -6.23
CA ILE B 11 23.62 -0.71 -5.16
C ILE B 11 23.09 0.72 -5.17
N ILE B 12 22.98 1.32 -6.37
CA ILE B 12 22.38 2.66 -6.48
C ILE B 12 20.99 2.62 -5.90
N LEU B 13 20.21 1.61 -6.31
CA LEU B 13 18.84 1.52 -5.86
C LEU B 13 18.75 1.40 -4.35
N MET B 14 19.59 0.53 -3.75
CA MET B 14 19.63 0.44 -2.30
C MET B 14 19.91 1.79 -1.62
N GLU B 15 20.87 2.51 -2.16
CA GLU B 15 21.24 3.79 -1.59
C GLU B 15 20.09 4.80 -1.75
N MET B 16 19.41 4.74 -2.88
CA MET B 16 18.24 5.62 -3.04
C MET B 16 17.13 5.29 -2.04
N GLU B 17 16.85 4.01 -1.87
CA GLU B 17 15.74 3.59 -1.01
C GLU B 17 15.98 3.97 0.43
N SER B 18 17.25 4.07 0.83
CA SER B 18 17.58 4.44 2.21
C SER B 18 17.76 5.94 2.47
N HIS B 19 17.67 6.74 1.42
CA HIS B 19 17.89 8.18 1.49
C HIS B 19 16.69 8.83 2.15
N ASP B 20 16.93 9.89 2.91
CA ASP B 20 15.83 10.49 3.65
C ASP B 20 14.69 10.95 2.76
N ALA B 21 15.02 11.48 1.59
CA ALA B 21 14.01 12.02 0.66
C ALA B 21 13.34 10.97 -0.24
N ALA B 22 13.54 9.68 0.06
CA ALA B 22 13.03 8.61 -0.81
C ALA B 22 11.60 8.29 -0.52
N TRP B 23 11.10 8.76 0.63
CA TRP B 23 9.77 8.38 1.14
C TRP B 23 8.60 8.47 0.16
N PRO B 24 8.58 9.44 -0.77
CA PRO B 24 7.43 9.42 -1.68
C PRO B 24 7.47 8.36 -2.76
N PHE B 25 8.62 7.68 -2.94
CA PHE B 25 8.95 6.90 -4.12
C PHE B 25 9.13 5.42 -3.84
N LEU B 26 8.87 5.01 -2.60
CA LEU B 26 9.17 3.62 -2.21
C LEU B 26 8.18 2.62 -2.76
N GLU B 27 6.92 3.02 -2.91
CA GLU B 27 5.86 2.13 -3.39
CA GLU B 27 5.87 2.14 -3.38
C GLU B 27 5.04 2.90 -4.40
N PRO B 28 4.30 2.17 -5.23
CA PRO B 28 3.44 2.88 -6.18
C PRO B 28 2.50 3.87 -5.54
N VAL B 29 2.29 4.99 -6.21
CA VAL B 29 1.26 5.93 -5.85
C VAL B 29 -0.07 5.22 -5.97
N ASN B 30 -0.97 5.48 -5.02
CA ASN B 30 -2.33 4.94 -5.08
C ASN B 30 -3.26 5.95 -5.75
N PRO B 31 -3.54 5.74 -7.04
CA PRO B 31 -4.32 6.75 -7.78
C PRO B 31 -5.75 6.88 -7.31
N ARG B 32 -6.24 5.86 -6.62
CA ARG B 32 -7.57 5.89 -6.04
C ARG B 32 -7.71 6.98 -4.97
N LEU B 33 -6.57 7.35 -4.38
CA LEU B 33 -6.48 8.36 -3.33
C LEU B 33 -5.83 9.69 -3.75
N VAL B 34 -5.31 9.76 -4.96
CA VAL B 34 -4.66 10.96 -5.49
C VAL B 34 -5.43 11.41 -6.72
N SER B 35 -6.28 12.41 -6.50
CA SER B 35 -7.18 12.87 -7.52
C SER B 35 -6.36 13.35 -8.74
N GLY B 36 -6.68 12.84 -9.92
CA GLY B 36 -6.02 13.28 -11.15
C GLY B 36 -4.73 12.59 -11.55
N TYR B 37 -4.18 11.75 -10.67
CA TYR B 37 -2.89 11.10 -10.94
C TYR B 37 -2.94 10.20 -12.16
N ARG B 38 -3.95 9.35 -12.22
CA ARG B 38 -4.11 8.45 -13.33
C ARG B 38 -4.27 9.18 -14.67
N ARG B 39 -5.00 10.31 -14.66
CA ARG B 39 -5.21 11.09 -15.89
CA ARG B 39 -5.22 11.11 -15.87
C ARG B 39 -3.91 11.69 -16.41
N ILE B 40 -3.07 12.14 -15.50
CA ILE B 40 -1.84 12.86 -15.88
C ILE B 40 -0.60 12.00 -16.09
N ILE B 41 -0.43 10.98 -15.25
CA ILE B 41 0.76 10.17 -15.30
C ILE B 41 0.45 8.85 -16.00
N LYS B 42 0.96 8.72 -17.22
CA LYS B 42 0.65 7.59 -18.08
C LYS B 42 1.48 6.37 -17.77
N ASN B 43 2.69 6.56 -17.27
CA ASN B 43 3.61 5.47 -16.99
C ASN B 43 4.13 5.59 -15.57
N PRO B 44 3.36 5.08 -14.59
CA PRO B 44 3.84 5.16 -13.21
C PRO B 44 5.09 4.32 -12.98
N MET B 45 5.90 4.74 -12.02
CA MET B 45 7.08 3.97 -11.62
C MET B 45 7.48 4.32 -10.21
N ASP B 46 8.12 3.38 -9.51
CA ASP B 46 8.58 3.57 -8.13
C ASP B 46 9.70 2.60 -7.83
N PHE B 47 10.35 2.79 -6.70
CA PHE B 47 11.54 2.02 -6.39
C PHE B 47 11.23 0.53 -6.14
N SER B 48 10.07 0.19 -5.59
CA SER B 48 9.75 -1.23 -5.31
C SER B 48 9.63 -1.99 -6.61
N THR B 49 8.98 -1.38 -7.56
CA THR B 49 8.82 -1.94 -8.89
C THR B 49 10.19 -2.19 -9.54
N MET B 50 11.07 -1.19 -9.48
CA MET B 50 12.45 -1.35 -9.97
C MET B 50 13.23 -2.48 -9.30
N ARG B 51 13.05 -2.62 -7.99
CA ARG B 51 13.75 -3.62 -7.18
C ARG B 51 13.29 -4.99 -7.60
N GLU B 52 11.99 -5.14 -7.82
CA GLU B 52 11.43 -6.46 -8.17
C GLU B 52 11.87 -6.85 -9.55
N ARG B 53 11.95 -5.88 -10.45
CA ARG B 53 12.37 -6.17 -11.82
C ARG B 53 13.86 -6.54 -11.84
N LEU B 54 14.69 -5.87 -11.05
CA LEU B 54 16.09 -6.26 -10.93
C LEU B 54 16.24 -7.68 -10.40
N LEU B 55 15.47 -8.04 -9.38
CA LEU B 55 15.65 -9.32 -8.71
C LEU B 55 15.20 -10.47 -9.64
N ARG B 56 14.28 -10.18 -10.57
CA ARG B 56 13.83 -11.19 -11.54
C ARG B 56 14.75 -11.32 -12.74
N GLY B 57 15.71 -10.40 -12.86
CA GLY B 57 16.55 -10.33 -14.03
C GLY B 57 15.92 -9.66 -15.24
N GLY B 58 14.95 -8.78 -15.01
CA GLY B 58 14.18 -8.17 -16.08
C GLY B 58 14.72 -6.91 -16.74
N TYR B 59 15.88 -6.42 -16.30
CA TYR B 59 16.59 -5.33 -16.96
C TYR B 59 17.72 -5.95 -17.80
N THR B 60 17.72 -5.67 -19.08
CA THR B 60 18.79 -6.17 -19.96
C THR B 60 20.00 -5.27 -20.01
N SER B 61 19.88 -4.05 -19.47
CA SER B 61 20.99 -3.14 -19.47
C SER B 61 20.80 -2.12 -18.37
N SER B 62 21.88 -1.47 -18.00
CA SER B 62 21.80 -0.40 -17.01
C SER B 62 21.02 0.79 -17.59
N GLU B 63 21.01 0.93 -18.92
CA GLU B 63 20.20 1.98 -19.56
C GLU B 63 18.70 1.87 -19.28
N GLU B 64 18.18 0.65 -19.33
CA GLU B 64 16.81 0.38 -18.98
C GLU B 64 16.52 0.75 -17.53
N PHE B 65 17.47 0.47 -16.64
CA PHE B 65 17.31 0.84 -15.23
C PHE B 65 17.28 2.36 -15.09
N ALA B 66 18.20 3.04 -15.77
CA ALA B 66 18.21 4.53 -15.71
C ALA B 66 16.90 5.13 -16.24
N ALA B 67 16.34 4.55 -17.29
CA ALA B 67 15.07 5.02 -17.81
C ALA B 67 13.98 4.99 -16.76
N ASP B 68 13.93 3.89 -16.00
CA ASP B 68 12.94 3.82 -14.93
C ASP B 68 13.20 4.81 -13.83
N ALA B 69 14.44 4.95 -13.40
CA ALA B 69 14.75 5.97 -12.37
C ALA B 69 14.29 7.36 -12.81
N LEU B 70 14.67 7.74 -14.02
CA LEU B 70 14.28 9.04 -14.54
C LEU B 70 12.78 9.20 -14.63
N LEU B 71 12.09 8.14 -14.99
CA LEU B 71 10.63 8.13 -15.01
C LEU B 71 10.07 8.47 -13.62
N VAL B 72 10.62 7.90 -12.55
CA VAL B 72 10.15 8.26 -11.22
C VAL B 72 10.23 9.77 -10.99
N PHE B 73 11.38 10.37 -11.35
CA PHE B 73 11.63 11.78 -11.02
C PHE B 73 10.85 12.66 -11.98
N ASP B 74 10.72 12.21 -13.23
CA ASP B 74 9.98 13.01 -14.22
C ASP B 74 8.47 13.04 -13.89
N ASN B 75 7.92 11.90 -13.49
CA ASN B 75 6.52 11.86 -13.03
C ASN B 75 6.33 12.78 -11.87
N CYS B 76 7.25 12.76 -10.94
CA CYS B 76 7.15 13.60 -9.77
C CYS B 76 7.11 15.09 -10.13
N GLN B 77 8.04 15.48 -11.00
CA GLN B 77 8.14 16.90 -11.39
C GLN B 77 6.91 17.31 -12.17
N THR B 78 6.38 16.39 -12.94
CA THR B 78 5.23 16.67 -13.76
C THR B 78 4.03 16.96 -12.90
N PHE B 79 3.78 16.11 -11.90
CA PHE B 79 2.51 16.15 -11.15
C PHE B 79 2.52 17.16 -10.01
N ASN B 80 3.67 17.33 -9.37
CA ASN B 80 3.74 18.05 -8.11
C ASN B 80 4.31 19.46 -8.23
N GLU B 81 3.78 20.38 -7.45
CA GLU B 81 4.36 21.72 -7.40
C GLU B 81 5.81 21.62 -6.93
N ASP B 82 6.67 22.45 -7.49
CA ASP B 82 8.08 22.40 -7.13
C ASP B 82 8.38 22.72 -5.68
N ASP B 83 7.59 23.60 -5.07
CA ASP B 83 7.85 23.99 -3.69
C ASP B 83 7.16 23.11 -2.65
N SER B 84 6.50 22.02 -3.07
CA SER B 84 5.85 21.08 -2.15
C SER B 84 6.88 20.10 -1.57
N GLU B 85 6.51 19.41 -0.49
CA GLU B 85 7.41 18.45 0.12
C GLU B 85 7.78 17.36 -0.87
N VAL B 86 6.79 16.84 -1.59
CA VAL B 86 7.06 15.80 -2.58
C VAL B 86 7.85 16.31 -3.78
N GLY B 87 7.52 17.51 -4.26
CA GLY B 87 8.29 18.10 -5.35
C GLY B 87 9.74 18.29 -4.98
N LYS B 88 9.97 18.77 -3.77
CA LYS B 88 11.34 18.98 -3.35
C LYS B 88 12.06 17.67 -3.22
N ALA B 89 11.39 16.66 -2.70
CA ALA B 89 12.05 15.36 -2.54
C ALA B 89 12.45 14.77 -3.89
N GLY B 90 11.60 14.95 -4.90
CA GLY B 90 11.95 14.49 -6.24
C GLY B 90 13.22 15.12 -6.76
N HIS B 91 13.36 16.43 -6.61
CA HIS B 91 14.57 17.11 -7.02
C HIS B 91 15.81 16.61 -6.28
N ILE B 92 15.68 16.43 -4.96
CA ILE B 92 16.80 15.91 -4.14
C ILE B 92 17.22 14.52 -4.64
N MET B 93 16.22 13.68 -4.91
CA MET B 93 16.48 12.32 -5.31
C MET B 93 17.06 12.25 -6.69
N ARG B 94 16.61 13.09 -7.61
CA ARG B 94 17.16 13.09 -8.95
C ARG B 94 18.64 13.46 -8.90
N ARG B 95 18.98 14.48 -8.12
CA ARG B 95 20.38 14.92 -7.99
C ARG B 95 21.26 13.80 -7.42
N PHE B 96 20.74 13.10 -6.42
CA PHE B 96 21.45 12.00 -5.84
C PHE B 96 21.68 10.89 -6.85
N PHE B 97 20.62 10.51 -7.56
CA PHE B 97 20.74 9.50 -8.59
C PHE B 97 21.80 9.89 -9.62
N GLU B 98 21.72 11.12 -10.09
CA GLU B 98 22.62 11.58 -11.13
C GLU B 98 24.06 11.49 -10.66
N SER B 99 24.28 11.84 -9.40
CA SER B 99 25.63 11.79 -8.84
C SER B 99 26.17 10.38 -8.76
N ARG B 100 25.32 9.42 -8.42
CA ARG B 100 25.78 8.05 -8.31
C ARG B 100 25.97 7.45 -9.69
N TRP B 101 25.10 7.78 -10.62
CA TRP B 101 25.25 7.33 -12.00
C TRP B 101 26.56 7.79 -12.65
N GLU B 102 26.96 9.03 -12.37
CA GLU B 102 28.14 9.60 -12.98
C GLU B 102 29.39 8.81 -12.59
N GLU B 103 29.34 8.06 -11.49
CA GLU B 103 30.40 7.08 -11.19
C GLU B 103 30.77 6.18 -12.40
N PHE B 104 29.80 5.86 -13.27
CA PHE B 104 30.04 5.13 -14.54
C PHE B 104 31.02 5.79 -15.52
N TYR B 105 31.42 7.04 -15.28
CA TYR B 105 32.38 7.75 -16.14
C TYR B 105 33.54 8.34 -15.34
N GLY C 1 4.28 2.25 18.93
CA GLY C 1 3.98 3.61 18.40
C GLY C 1 2.59 3.66 17.81
N ALA C 2 1.99 4.84 17.80
CA ALA C 2 0.59 5.01 17.47
C ALA C 2 0.26 4.65 16.01
OH ALY C 3 -6.54 0.68 10.06
CH ALY C 3 -6.98 0.37 11.18
CH3 ALY C 3 -7.97 -0.69 11.47
NZ ALY C 3 -6.55 1.02 12.27
CE ALY C 3 -5.56 2.08 12.18
CD ALY C 3 -4.84 2.22 13.53
CG ALY C 3 -3.50 2.92 13.37
CB ALY C 3 -2.88 3.28 14.71
CA ALY C 3 -1.49 3.88 14.52
N ALY C 3 -0.94 4.15 15.83
C ALY C 3 -1.58 5.19 13.81
O ALY C 3 -2.05 6.19 14.37
N ARG C 4 -1.10 5.22 12.55
CA ARG C 4 -1.18 6.44 11.77
C ARG C 4 -1.18 6.11 10.28
N HIS C 5 -1.69 7.05 9.50
CA HIS C 5 -1.73 6.86 8.05
C HIS C 5 -0.33 6.78 7.46
N ARG C 6 -0.23 6.03 6.35
CA ARG C 6 0.99 6.07 5.52
C ARG C 6 1.41 7.55 5.34
OH ALY C 7 8.98 14.22 5.57
CH ALY C 7 9.50 13.12 5.72
CH3 ALY C 7 10.98 12.94 5.81
NZ ALY C 7 8.81 11.95 5.77
CE ALY C 7 7.35 11.93 5.68
CD ALY C 7 6.82 10.51 5.57
CG ALY C 7 5.32 10.56 5.36
CB ALY C 7 4.75 9.16 5.38
CA ALY C 7 3.22 9.17 5.26
N ALY C 7 2.72 7.80 5.41
C ALY C 7 2.78 9.83 3.99
O ALY C 7 2.41 11.02 3.99
N VAL C 8 2.78 9.10 2.86
CA VAL C 8 2.35 9.67 1.58
C VAL C 8 0.87 10.10 1.52
N LEU C 9 0.05 9.68 2.50
CA LEU C 9 -1.35 10.05 2.51
C LEU C 9 -1.59 11.29 3.38
N GLY D 1 2.86 14.97 4.54
CA GLY D 1 3.38 14.24 3.36
C GLY D 1 2.42 14.06 2.19
N ALA D 2 1.20 14.59 2.30
CA ALA D 2 0.24 14.46 1.22
C ALA D 2 0.77 15.22 0.02
OH ALY D 3 3.82 12.07 -7.26
CH ALY D 3 4.09 11.45 -6.24
CH3 ALY D 3 5.41 10.79 -6.06
NZ ALY D 3 3.23 11.31 -5.25
CE ALY D 3 1.89 11.87 -5.21
CD ALY D 3 1.58 12.30 -3.77
CG ALY D 3 0.66 13.51 -3.75
CB ALY D 3 1.38 14.76 -3.31
CA ALY D 3 0.62 15.59 -2.31
N ALY D 3 0.28 14.86 -1.14
C ALY D 3 -0.69 16.01 -2.84
O ALY D 3 -1.73 15.42 -2.52
N ARG D 4 -0.68 17.04 -3.64
CA ARG D 4 -1.80 17.31 -4.53
C ARG D 4 -1.21 17.91 -5.79
N HIS D 5 -1.92 17.74 -6.88
CA HIS D 5 -1.46 18.29 -8.12
C HIS D 5 -0.96 19.79 -8.16
N ARG D 6 -0.17 20.08 -9.18
CA ARG D 6 0.11 21.45 -9.57
C ARG D 6 -1.21 22.19 -9.76
OH ALY D 7 -6.62 30.03 -7.20
CH ALY D 7 -5.51 30.45 -6.86
CH3 ALY D 7 -5.33 31.79 -6.23
NZ ALY D 7 -4.40 29.72 -7.02
CE ALY D 7 -4.46 28.40 -7.63
CD ALY D 7 -3.10 27.75 -7.89
CG ALY D 7 -3.38 26.45 -8.62
CB ALY D 7 -2.11 25.75 -9.11
CA ALY D 7 -2.42 24.29 -9.48
N ALY D 7 -1.19 23.51 -9.52
C ALY D 7 -3.19 24.22 -10.76
O ALY D 7 -4.43 24.17 -10.74
N VAL D 8 -2.53 24.17 -11.92
CA VAL D 8 -3.28 24.06 -13.18
C VAL D 8 -4.17 22.80 -13.27
N LEU D 9 -3.88 21.78 -12.46
CA LEU D 9 -4.70 20.57 -12.45
C LEU D 9 -5.94 20.72 -11.57
C1 EDO E . 18.80 -3.89 -2.84
O1 EDO E . 17.97 -4.93 -2.31
C2 EDO E . 17.92 -2.85 -3.52
O2 EDO E . 16.68 -2.71 -2.80
#